data_7HBE
#
_entry.id   7HBE
#
_cell.length_a   66.200
_cell.length_b   89.710
_cell.length_c   100.140
_cell.angle_alpha   90.000
_cell.angle_beta   90.000
_cell.angle_gamma   90.000
#
_symmetry.space_group_name_H-M   'I 2 2 2'
#
loop_
_entity.id
_entity.type
_entity.pdbx_description
1 polymer 'Heat shock protein HSP 90-alpha'
2 non-polymer 5-methyl-2-(trifluoromethyl)furan-3-carboxamide
3 water water
#
_entity_poly.entity_id   1
_entity_poly.type   'polypeptide(L)'
_entity_poly.pdbx_seq_one_letter_code
;MDQPMEEEEVETFAFQAEIAQLMSLIINTFYSNKEIFLRELISNSSDALDKIRYESLTDPSKLDSGKELHINLIPNKQDR
TLTIVDTGIGMTKADLINNLGTIAKSGTKAFMEALQAGADISMIGQFGVGFYSAYLVAEKVTVITKHNDDEQYAWESSAG
GSFTVRTDTGEPMGRGTKVILHLKEDQTEYLEERRIKEIVKKHSQFIGYPITLFVEKERDKEVSDDEAELEHHHHHH
;
_entity_poly.pdbx_strand_id   A
#
loop_
_chem_comp.id
_chem_comp.type
_chem_comp.name
_chem_comp.formula
A1AYZ non-polymer 5-methyl-2-(trifluoromethyl)furan-3-carboxamide 'C7 H6 F3 N O2'
#
# COMPACT_ATOMS: atom_id res chain seq x y z
N GLU A 9 10.33 11.95 -17.72
CA GLU A 9 9.96 10.82 -18.56
C GLU A 9 9.02 9.88 -17.80
N VAL A 10 7.78 9.81 -18.28
CA VAL A 10 6.72 9.04 -17.62
C VAL A 10 6.33 7.89 -18.54
N GLU A 11 6.32 6.67 -18.00
CA GLU A 11 5.89 5.50 -18.74
C GLU A 11 4.47 5.13 -18.30
N THR A 12 3.58 4.90 -19.26
CA THR A 12 2.20 4.52 -18.98
C THR A 12 1.98 3.07 -19.39
N PHE A 13 1.39 2.29 -18.50
CA PHE A 13 1.17 0.86 -18.67
C PHE A 13 -0.31 0.55 -18.51
N ALA A 14 -0.77 -0.47 -19.22
CA ALA A 14 -2.11 -1.00 -18.99
C ALA A 14 -2.06 -2.06 -17.89
N PHE A 15 -3.02 -2.01 -16.97
CA PHE A 15 -3.20 -3.14 -16.07
C PHE A 15 -3.54 -4.39 -16.87
N GLN A 16 -3.04 -5.53 -16.38
CA GLN A 16 -3.59 -6.79 -16.87
C GLN A 16 -5.10 -6.79 -16.66
N ALA A 17 -5.81 -7.41 -17.61
CA ALA A 17 -7.27 -7.38 -17.59
C ALA A 17 -7.82 -7.82 -16.23
N GLU A 18 -7.24 -8.85 -15.63
CA GLU A 18 -7.78 -9.37 -14.38
C GLU A 18 -7.60 -8.39 -13.23
N ILE A 19 -6.52 -7.60 -13.25
CA ILE A 19 -6.30 -6.62 -12.20
C ILE A 19 -7.23 -5.42 -12.40
N ALA A 20 -7.44 -5.00 -13.65
CA ALA A 20 -8.43 -3.96 -13.91
C ALA A 20 -9.81 -4.38 -13.40
N GLN A 21 -10.15 -5.66 -13.57
CA GLN A 21 -11.45 -6.12 -13.13
C GLN A 21 -11.53 -6.15 -11.61
N LEU A 22 -10.45 -6.55 -10.93
CA LEU A 22 -10.40 -6.47 -9.47
C LEU A 22 -10.58 -5.03 -8.97
N MET A 23 -9.89 -4.08 -9.60
CA MET A 23 -10.04 -2.69 -9.19
C MET A 23 -11.44 -2.16 -9.41
N SER A 24 -12.08 -2.49 -10.54
CA SER A 24 -13.43 -1.98 -10.74
C SER A 24 -14.40 -2.61 -9.73
N LEU A 25 -14.17 -3.87 -9.36
CA LEU A 25 -15.03 -4.49 -8.36
C LEU A 25 -14.88 -3.80 -7.00
N ILE A 26 -13.64 -3.48 -6.61
CA ILE A 26 -13.41 -2.79 -5.35
C ILE A 26 -14.07 -1.42 -5.37
N ILE A 27 -14.00 -0.74 -6.52
CA ILE A 27 -14.52 0.63 -6.60
C ILE A 27 -16.04 0.64 -6.67
N ASN A 28 -16.64 -0.34 -7.36
CA ASN A 28 -18.05 -0.28 -7.70
C ASN A 28 -18.97 -1.05 -6.76
N THR A 29 -18.46 -2.04 -6.04
CA THR A 29 -19.32 -2.85 -5.19
C THR A 29 -19.75 -2.05 -3.95
N PHE A 30 -21.03 -2.11 -3.63
CA PHE A 30 -21.48 -1.51 -2.38
C PHE A 30 -20.95 -2.34 -1.21
N TYR A 31 -20.16 -1.70 -0.34
CA TYR A 31 -19.49 -2.41 0.75
C TYR A 31 -19.06 -1.39 1.80
N SER A 32 -19.74 -1.41 2.95
CA SER A 32 -19.61 -0.30 3.91
C SER A 32 -18.33 -0.37 4.73
N ASN A 33 -17.74 -1.56 4.91
CA ASN A 33 -16.65 -1.78 5.86
C ASN A 33 -15.30 -1.40 5.23
N LYS A 34 -15.19 -0.12 4.85
CA LYS A 34 -14.03 0.32 4.09
C LYS A 34 -12.76 0.43 4.93
N GLU A 35 -12.89 0.48 6.27
CA GLU A 35 -11.73 0.72 7.12
C GLU A 35 -10.65 -0.35 7.01
N ILE A 36 -10.98 -1.54 6.49
CA ILE A 36 -10.00 -2.59 6.35
C ILE A 36 -8.85 -2.24 5.42
N PHE A 37 -8.98 -1.17 4.60
CA PHE A 37 -7.86 -0.79 3.75
C PHE A 37 -6.61 -0.53 4.58
N LEU A 38 -6.77 0.06 5.77
CA LEU A 38 -5.60 0.44 6.56
C LEU A 38 -4.94 -0.80 7.13
N ARG A 39 -5.74 -1.75 7.60
CA ARG A 39 -5.20 -3.03 8.05
C ARG A 39 -4.37 -3.68 6.94
N GLU A 40 -4.88 -3.64 5.71
CA GLU A 40 -4.21 -4.34 4.63
C GLU A 40 -2.88 -3.68 4.29
N LEU A 41 -2.85 -2.35 4.28
CA LEU A 41 -1.59 -1.67 3.96
C LEU A 41 -0.57 -1.82 5.08
N ILE A 42 -1.03 -1.79 6.34
CA ILE A 42 -0.10 -1.97 7.45
C ILE A 42 0.46 -3.39 7.42
N SER A 43 -0.38 -4.36 7.05
CA SER A 43 0.12 -5.73 6.96
C SER A 43 1.14 -5.86 5.82
N ASN A 44 0.90 -5.19 4.69
CA ASN A 44 1.90 -5.19 3.62
C ASN A 44 3.21 -4.57 4.10
N SER A 45 3.13 -3.48 4.85
CA SER A 45 4.34 -2.85 5.38
C SER A 45 5.07 -3.80 6.33
N SER A 46 4.32 -4.46 7.21
CA SER A 46 4.94 -5.44 8.11
C SER A 46 5.65 -6.54 7.33
N ASP A 47 5.01 -7.05 6.27
CA ASP A 47 5.64 -8.08 5.44
C ASP A 47 6.94 -7.58 4.83
N ALA A 48 6.96 -6.31 4.39
CA ALA A 48 8.16 -5.76 3.76
C ALA A 48 9.26 -5.55 4.79
N LEU A 49 8.87 -5.17 6.00
CA LEU A 49 9.86 -5.02 7.06
C LEU A 49 10.43 -6.37 7.45
N ASP A 50 9.59 -7.41 7.52
CA ASP A 50 10.11 -8.76 7.80
C ASP A 50 11.17 -9.15 6.78
N LYS A 51 10.98 -8.76 5.52
CA LYS A 51 11.89 -9.21 4.46
C LYS A 51 13.27 -8.57 4.62
N ILE A 52 13.33 -7.26 4.85
CA ILE A 52 14.65 -6.66 5.01
C ILE A 52 15.28 -7.10 6.33
N ARG A 53 14.48 -7.35 7.37
CA ARG A 53 15.07 -7.85 8.61
C ARG A 53 15.72 -9.19 8.39
N TYR A 54 15.04 -10.10 7.68
CA TYR A 54 15.60 -11.42 7.41
C TYR A 54 16.89 -11.32 6.61
N GLU A 55 16.92 -10.47 5.58
CA GLU A 55 18.15 -10.32 4.79
C GLU A 55 19.29 -9.79 5.65
N SER A 56 18.98 -8.88 6.58
CA SER A 56 20.02 -8.29 7.42
C SER A 56 20.60 -9.29 8.41
N LEU A 57 19.93 -10.43 8.64
CA LEU A 57 20.43 -11.39 9.61
C LEU A 57 21.73 -12.02 9.17
N THR A 58 21.97 -12.11 7.87
CA THR A 58 23.21 -12.65 7.35
C THR A 58 24.05 -11.61 6.61
N ASP A 59 23.54 -10.40 6.41
CA ASP A 59 24.29 -9.35 5.73
C ASP A 59 23.90 -8.01 6.34
N PRO A 60 24.59 -7.59 7.41
CA PRO A 60 24.18 -6.35 8.10
C PRO A 60 24.26 -5.12 7.22
N SER A 61 25.07 -5.14 6.15
CA SER A 61 25.15 -3.97 5.28
C SER A 61 23.84 -3.71 4.56
N LYS A 62 22.91 -4.68 4.53
CA LYS A 62 21.60 -4.43 3.96
C LYS A 62 20.86 -3.29 4.66
N LEU A 63 21.28 -2.94 5.87
CA LEU A 63 20.66 -1.85 6.62
C LEU A 63 21.46 -0.56 6.55
N ASP A 64 22.49 -0.50 5.69
CA ASP A 64 23.22 0.76 5.52
C ASP A 64 22.31 1.86 5.03
N SER A 65 21.22 1.50 4.35
CA SER A 65 20.22 2.44 3.85
C SER A 65 19.23 2.85 4.92
N GLY A 66 19.39 2.37 6.15
CA GLY A 66 18.57 2.79 7.27
C GLY A 66 18.37 1.67 8.27
N LYS A 67 18.79 1.88 9.52
CA LYS A 67 18.68 0.80 10.50
C LYS A 67 17.29 0.69 11.14
N GLU A 68 16.50 1.76 11.16
CA GLU A 68 15.23 1.75 11.86
C GLU A 68 14.15 1.04 11.02
N LEU A 69 13.40 0.15 11.66
CA LEU A 69 12.33 -0.62 11.02
C LEU A 69 11.02 -0.16 11.63
N HIS A 70 10.25 0.64 10.89
CA HIS A 70 9.05 1.23 11.48
C HIS A 70 8.01 1.56 10.41
N ILE A 71 6.82 1.96 10.90
CA ILE A 71 5.69 2.34 10.07
C ILE A 71 5.16 3.67 10.60
N ASN A 72 5.04 4.66 9.70
CA ASN A 72 4.47 5.95 10.07
C ASN A 72 3.16 6.18 9.31
N LEU A 73 2.18 6.76 10.00
CA LEU A 73 0.90 7.11 9.42
C LEU A 73 0.79 8.63 9.44
N ILE A 74 0.68 9.26 8.28
CA ILE A 74 0.78 10.70 8.16
C ILE A 74 -0.47 11.24 7.47
N PRO A 75 -1.43 11.74 8.24
CA PRO A 75 -2.58 12.40 7.63
C PRO A 75 -2.27 13.86 7.33
N ASN A 76 -2.84 14.34 6.21
CA ASN A 76 -2.69 15.74 5.83
C ASN A 76 -4.05 16.24 5.34
N LYS A 77 -4.72 17.04 6.15
CA LYS A 77 -6.07 17.49 5.80
C LYS A 77 -6.08 18.53 4.70
N GLN A 78 -4.99 19.29 4.52
CA GLN A 78 -4.96 20.31 3.48
C GLN A 78 -4.79 19.68 2.10
N ASP A 79 -3.97 18.64 2.00
CA ASP A 79 -3.80 17.88 0.76
C ASP A 79 -4.86 16.80 0.60
N ARG A 80 -5.58 16.50 1.68
CA ARG A 80 -6.53 15.39 1.75
C ARG A 80 -5.85 14.07 1.39
N THR A 81 -4.73 13.80 2.05
CA THR A 81 -3.98 12.57 1.83
C THR A 81 -3.72 11.87 3.15
N LEU A 82 -3.71 10.55 3.08
CA LEU A 82 -3.21 9.70 4.16
C LEU A 82 -2.02 8.95 3.60
N THR A 83 -0.85 9.13 4.22
CA THR A 83 0.37 8.49 3.75
C THR A 83 0.82 7.42 4.75
N ILE A 84 1.12 6.23 4.23
CA ILE A 84 1.62 5.11 5.04
C ILE A 84 3.07 4.88 4.61
N VAL A 85 4.01 5.12 5.52
CA VAL A 85 5.44 5.00 5.24
C VAL A 85 6.00 3.81 5.99
N ASP A 86 6.79 2.96 5.31
CA ASP A 86 7.54 1.96 6.05
C ASP A 86 8.98 1.99 5.55
N THR A 87 9.86 1.46 6.37
CA THR A 87 11.27 1.32 5.97
C THR A 87 11.60 -0.13 5.65
N GLY A 88 10.67 -0.83 5.01
CA GLY A 88 10.90 -2.21 4.62
C GLY A 88 11.82 -2.36 3.43
N ILE A 89 11.74 -3.52 2.79
CA ILE A 89 12.68 -3.86 1.72
C ILE A 89 12.47 -3.00 0.47
N GLY A 90 11.29 -2.41 0.27
CA GLY A 90 11.05 -1.60 -0.91
C GLY A 90 10.80 -2.46 -2.12
N MET A 91 10.64 -1.81 -3.28
CA MET A 91 10.44 -2.57 -4.50
C MET A 91 11.29 -1.98 -5.62
N THR A 92 11.77 -2.86 -6.48
CA THR A 92 12.45 -2.46 -7.71
C THR A 92 11.45 -1.96 -8.75
N LYS A 93 11.97 -1.34 -9.81
CA LYS A 93 11.09 -0.93 -10.91
C LYS A 93 10.32 -2.13 -11.48
N ALA A 94 11.02 -3.26 -11.66
CA ALA A 94 10.36 -4.46 -12.15
C ALA A 94 9.26 -4.92 -11.21
N ASP A 95 9.51 -4.87 -9.89
CA ASP A 95 8.47 -5.21 -8.91
C ASP A 95 7.25 -4.32 -9.07
N LEU A 96 7.46 -3.00 -9.18
CA LEU A 96 6.33 -2.09 -9.33
C LEU A 96 5.47 -2.45 -10.54
N ILE A 97 6.12 -2.62 -11.69
CA ILE A 97 5.37 -2.94 -12.91
C ILE A 97 4.64 -4.28 -12.76
N ASN A 98 5.29 -5.25 -12.12
CA ASN A 98 4.70 -6.57 -11.95
C ASN A 98 3.78 -6.57 -10.72
N ASN A 99 2.78 -5.68 -10.77
CA ASN A 99 1.71 -5.60 -9.76
C ASN A 99 2.25 -5.43 -8.35
N LEU A 100 3.18 -4.49 -8.20
CA LEU A 100 3.73 -4.10 -6.89
C LEU A 100 4.19 -5.33 -6.11
N GLY A 101 4.86 -6.24 -6.80
CA GLY A 101 5.47 -7.38 -6.15
C GLY A 101 4.52 -8.49 -5.74
N THR A 102 3.30 -8.51 -6.28
CA THR A 102 2.30 -9.51 -5.95
C THR A 102 2.13 -10.49 -7.10
N ILE A 103 1.52 -11.64 -6.79
CA ILE A 103 1.05 -12.55 -7.83
C ILE A 103 -0.42 -12.23 -8.07
N ALA A 104 -0.68 -11.00 -8.53
CA ALA A 104 -2.04 -10.48 -8.50
C ALA A 104 -2.97 -11.20 -9.45
N LYS A 105 -2.47 -11.76 -10.56
CA LYS A 105 -3.36 -12.45 -11.48
C LYS A 105 -3.97 -13.69 -10.84
N SER A 106 -3.14 -14.56 -10.27
CA SER A 106 -3.70 -15.76 -9.63
C SER A 106 -4.40 -15.40 -8.33
N GLY A 107 -3.94 -14.36 -7.63
CA GLY A 107 -4.62 -13.92 -6.42
C GLY A 107 -6.01 -13.39 -6.70
N THR A 108 -6.16 -12.59 -7.77
CA THR A 108 -7.48 -12.12 -8.15
C THR A 108 -8.41 -13.28 -8.51
N LYS A 109 -7.91 -14.24 -9.28
CA LYS A 109 -8.71 -15.42 -9.62
C LYS A 109 -9.25 -16.09 -8.37
N ALA A 110 -8.38 -16.36 -7.39
CA ALA A 110 -8.83 -17.03 -6.18
C ALA A 110 -9.79 -16.15 -5.39
N PHE A 111 -9.51 -14.86 -5.28
CA PHE A 111 -10.37 -13.95 -4.53
C PHE A 111 -11.77 -13.94 -5.12
N MET A 112 -11.88 -13.87 -6.43
CA MET A 112 -13.18 -13.66 -7.03
C MET A 112 -14.02 -14.95 -7.00
N GLU A 113 -13.37 -16.11 -7.03
CA GLU A 113 -14.09 -17.35 -6.74
C GLU A 113 -14.64 -17.34 -5.33
N ALA A 114 -13.87 -16.77 -4.39
CA ALA A 114 -14.30 -16.76 -3.00
C ALA A 114 -15.55 -15.90 -2.81
N LEU A 115 -15.59 -14.71 -3.40
CA LEU A 115 -16.75 -13.84 -3.24
C LEU A 115 -18.00 -14.45 -3.83
N GLN A 116 -17.89 -15.01 -5.04
CA GLN A 116 -19.05 -15.68 -5.61
C GLN A 116 -19.49 -16.88 -4.78
N ALA A 117 -18.65 -17.33 -3.84
CA ALA A 117 -18.96 -18.45 -2.96
C ALA A 117 -19.34 -18.03 -1.55
N GLY A 118 -19.30 -16.74 -1.22
CA GLY A 118 -19.75 -16.32 0.09
C GLY A 118 -18.80 -15.41 0.85
N ALA A 119 -17.56 -15.30 0.38
CA ALA A 119 -16.61 -14.40 1.02
C ALA A 119 -17.03 -12.94 0.81
N ASP A 120 -16.38 -12.04 1.55
CA ASP A 120 -16.63 -10.62 1.39
C ASP A 120 -15.29 -9.91 1.19
N ILE A 121 -15.38 -8.63 0.82
CA ILE A 121 -14.19 -7.90 0.40
C ILE A 121 -13.14 -7.83 1.52
N SER A 122 -13.56 -7.95 2.79
CA SER A 122 -12.61 -7.83 3.88
C SER A 122 -11.58 -8.97 3.94
N MET A 123 -11.80 -10.08 3.26
CA MET A 123 -10.82 -11.16 3.25
C MET A 123 -9.83 -11.05 2.09
N ILE A 124 -9.75 -9.88 1.46
CA ILE A 124 -8.91 -9.69 0.28
C ILE A 124 -7.44 -10.02 0.59
N GLY A 125 -6.99 -9.73 1.81
CA GLY A 125 -5.59 -9.95 2.15
C GLY A 125 -5.18 -11.41 2.16
N GLN A 126 -6.14 -12.32 2.35
CA GLN A 126 -5.84 -13.74 2.28
C GLN A 126 -5.48 -14.19 0.87
N PHE A 127 -5.68 -13.34 -0.13
CA PHE A 127 -5.41 -13.69 -1.51
C PHE A 127 -4.25 -12.89 -2.08
N GLY A 128 -3.51 -12.17 -1.24
CA GLY A 128 -2.29 -11.53 -1.65
C GLY A 128 -2.44 -10.29 -2.49
N VAL A 129 -3.64 -9.71 -2.56
CA VAL A 129 -3.91 -8.51 -3.36
C VAL A 129 -4.53 -7.43 -2.48
N GLY A 130 -4.17 -7.45 -1.19
CA GLY A 130 -4.71 -6.46 -0.26
C GLY A 130 -4.35 -5.02 -0.60
N PHE A 131 -3.25 -4.79 -1.31
CA PHE A 131 -2.91 -3.42 -1.71
C PHE A 131 -4.09 -2.72 -2.39
N TYR A 132 -4.80 -3.44 -3.25
CA TYR A 132 -5.81 -2.79 -4.08
C TYR A 132 -7.03 -2.36 -3.28
N SER A 133 -7.17 -2.81 -2.03
CA SER A 133 -8.20 -2.26 -1.15
C SER A 133 -8.02 -0.77 -0.88
N ALA A 134 -6.86 -0.21 -1.22
CA ALA A 134 -6.70 1.25 -1.11
C ALA A 134 -7.78 1.99 -1.89
N TYR A 135 -8.25 1.42 -3.00
CA TYR A 135 -9.27 2.08 -3.81
C TYR A 135 -10.67 2.01 -3.20
N LEU A 136 -10.81 1.42 -2.01
CA LEU A 136 -12.04 1.61 -1.24
C LEU A 136 -12.18 3.06 -0.79
N VAL A 137 -11.07 3.74 -0.57
CA VAL A 137 -11.12 5.08 0.02
C VAL A 137 -10.39 6.14 -0.80
N ALA A 138 -9.55 5.76 -1.76
CA ALA A 138 -8.72 6.71 -2.49
C ALA A 138 -9.19 6.80 -3.94
N GLU A 139 -9.23 8.02 -4.47
CA GLU A 139 -9.45 8.14 -5.91
C GLU A 139 -8.15 7.99 -6.70
N LYS A 140 -7.02 8.20 -6.04
CA LYS A 140 -5.72 8.07 -6.68
C LYS A 140 -4.75 7.56 -5.63
N VAL A 141 -3.85 6.67 -6.04
CA VAL A 141 -2.83 6.15 -5.14
C VAL A 141 -1.48 6.39 -5.78
N THR A 142 -0.54 6.96 -5.02
CA THR A 142 0.85 7.12 -5.44
C THR A 142 1.72 6.24 -4.55
N VAL A 143 2.61 5.46 -5.15
CA VAL A 143 3.52 4.61 -4.39
C VAL A 143 4.93 5.07 -4.72
N ILE A 144 5.65 5.58 -3.73
CA ILE A 144 7.06 5.93 -3.86
C ILE A 144 7.86 4.84 -3.19
N THR A 145 8.92 4.35 -3.85
CA THR A 145 9.59 3.20 -3.27
C THR A 145 11.08 3.22 -3.60
N LYS A 146 11.87 2.63 -2.73
CA LYS A 146 13.32 2.55 -2.91
C LYS A 146 13.79 1.22 -2.35
N HIS A 147 14.33 0.39 -3.24
CA HIS A 147 14.90 -0.90 -2.90
C HIS A 147 16.42 -0.76 -2.98
N ASN A 148 17.14 -1.51 -2.13
CA ASN A 148 18.61 -1.40 -2.13
C ASN A 148 19.20 -1.61 -3.51
N ASP A 149 18.57 -2.42 -4.36
CA ASP A 149 19.15 -2.79 -5.65
C ASP A 149 18.68 -1.91 -6.81
N ASP A 150 17.91 -0.85 -6.55
CA ASP A 150 17.39 -0.02 -7.64
C ASP A 150 17.36 1.44 -7.19
N GLU A 151 16.90 2.30 -8.09
CA GLU A 151 16.71 3.71 -7.80
C GLU A 151 15.30 3.96 -7.26
N GLN A 152 15.06 5.20 -6.83
CA GLN A 152 13.75 5.58 -6.30
C GLN A 152 12.76 5.84 -7.42
N TYR A 153 11.59 5.22 -7.34
CA TYR A 153 10.56 5.29 -8.36
C TYR A 153 9.22 5.69 -7.76
N ALA A 154 8.38 6.29 -8.60
CA ALA A 154 7.00 6.64 -8.25
C ALA A 154 6.03 5.93 -9.19
N TRP A 155 5.16 5.10 -8.62
CA TRP A 155 4.05 4.46 -9.30
C TRP A 155 2.79 5.24 -8.99
N GLU A 156 1.88 5.36 -9.95
CA GLU A 156 0.65 6.09 -9.69
C GLU A 156 -0.50 5.55 -10.53
N SER A 157 -1.69 5.51 -9.94
CA SER A 157 -2.87 5.13 -10.72
C SER A 157 -4.13 5.74 -10.11
N SER A 158 -4.99 6.24 -10.99
CA SER A 158 -6.37 6.58 -10.62
C SER A 158 -7.35 5.52 -11.12
N ALA A 159 -6.90 4.28 -11.23
CA ALA A 159 -7.66 3.15 -11.82
C ALA A 159 -7.95 3.52 -13.28
N GLY A 160 -9.12 3.19 -13.83
CA GLY A 160 -9.34 3.46 -15.24
C GLY A 160 -8.48 2.67 -16.20
N GLY A 161 -7.79 1.63 -15.72
CA GLY A 161 -7.12 0.68 -16.60
C GLY A 161 -5.64 0.91 -16.84
N SER A 162 -5.05 1.94 -16.24
CA SER A 162 -3.65 2.25 -16.50
C SER A 162 -2.97 2.74 -15.24
N PHE A 163 -1.64 2.61 -15.22
CA PHE A 163 -0.80 3.17 -14.19
C PHE A 163 0.44 3.78 -14.85
N THR A 164 1.09 4.69 -14.12
CA THR A 164 2.33 5.28 -14.62
C THR A 164 3.48 4.93 -13.69
N VAL A 165 4.69 4.90 -14.26
CA VAL A 165 5.91 4.73 -13.48
C VAL A 165 6.90 5.79 -13.96
N ARG A 166 7.56 6.45 -13.01
CA ARG A 166 8.57 7.44 -13.36
C ARG A 166 9.65 7.43 -12.29
N THR A 167 10.85 7.86 -12.68
CA THR A 167 11.88 8.08 -11.66
C THR A 167 11.41 9.18 -10.74
N ASP A 168 11.62 8.99 -9.43
CA ASP A 168 11.15 9.96 -8.46
C ASP A 168 12.26 10.97 -8.20
N THR A 169 11.96 12.25 -8.43
CA THR A 169 12.89 13.32 -8.11
C THR A 169 12.61 13.96 -6.76
N GLY A 170 11.60 13.46 -6.03
CA GLY A 170 11.24 14.00 -4.74
C GLY A 170 12.26 13.68 -3.66
N GLU A 171 11.83 13.90 -2.44
CA GLU A 171 12.66 13.72 -1.26
C GLU A 171 13.18 12.28 -1.22
N PRO A 172 14.51 12.06 -1.19
CA PRO A 172 15.02 10.68 -1.14
C PRO A 172 14.57 9.96 0.13
N MET A 173 14.31 8.65 0.00
CA MET A 173 13.71 7.88 1.08
C MET A 173 14.68 6.97 1.83
N GLY A 174 15.87 6.72 1.31
CA GLY A 174 16.75 5.77 1.96
C GLY A 174 16.46 4.34 1.57
N ARG A 175 15.31 3.82 2.02
CA ARG A 175 14.84 2.49 1.68
C ARG A 175 13.43 2.33 2.23
N GLY A 176 12.55 1.71 1.45
CA GLY A 176 11.22 1.44 1.95
C GLY A 176 10.18 1.86 0.93
N THR A 177 8.96 2.04 1.41
CA THR A 177 7.83 2.34 0.55
C THR A 177 6.93 3.36 1.20
N LYS A 178 6.41 4.27 0.39
CA LYS A 178 5.44 5.27 0.85
C LYS A 178 4.21 5.17 -0.02
N VAL A 179 3.05 4.90 0.59
CA VAL A 179 1.78 4.82 -0.13
C VAL A 179 0.99 6.07 0.20
N ILE A 180 0.74 6.89 -0.81
CA ILE A 180 0.02 8.15 -0.63
C ILE A 180 -1.40 7.93 -1.14
N LEU A 181 -2.37 8.00 -0.23
CA LEU A 181 -3.78 7.83 -0.56
C LEU A 181 -4.40 9.21 -0.74
N HIS A 182 -4.79 9.53 -1.98
CA HIS A 182 -5.53 10.76 -2.28
C HIS A 182 -7.00 10.43 -2.06
N LEU A 183 -7.53 10.82 -0.89
CA LEU A 183 -8.82 10.27 -0.45
C LEU A 183 -9.99 10.85 -1.23
N LYS A 184 -11.03 10.01 -1.40
CA LYS A 184 -12.29 10.48 -1.94
C LYS A 184 -12.90 11.51 -1.01
N GLU A 185 -13.71 12.40 -1.60
CA GLU A 185 -14.28 13.52 -0.87
C GLU A 185 -15.08 13.08 0.35
N ASP A 186 -15.77 11.94 0.26
CA ASP A 186 -16.61 11.49 1.37
C ASP A 186 -15.90 10.50 2.28
N GLN A 187 -14.58 10.37 2.18
CA GLN A 187 -13.79 9.46 3.01
C GLN A 187 -12.81 10.20 3.90
N THR A 188 -13.09 11.46 4.24
CA THR A 188 -12.09 12.19 5.02
C THR A 188 -12.08 11.81 6.50
N GLU A 189 -12.95 10.88 6.93
CA GLU A 189 -12.86 10.43 8.32
C GLU A 189 -11.53 9.74 8.58
N TYR A 190 -10.88 9.22 7.55
CA TYR A 190 -9.62 8.52 7.74
C TYR A 190 -8.44 9.47 7.87
N LEU A 191 -8.70 10.78 7.96
CA LEU A 191 -7.69 11.74 8.36
C LEU A 191 -7.82 12.18 9.80
N GLU A 192 -8.86 11.74 10.51
CA GLU A 192 -9.08 12.15 11.89
C GLU A 192 -8.32 11.24 12.84
N GLU A 193 -7.64 11.87 13.81
CA GLU A 193 -6.78 11.11 14.72
C GLU A 193 -7.56 10.01 15.43
N ARG A 194 -8.73 10.32 15.99
CA ARG A 194 -9.38 9.29 16.79
C ARG A 194 -9.83 8.11 15.94
N ARG A 195 -10.18 8.37 14.67
CA ARG A 195 -10.62 7.30 13.77
C ARG A 195 -9.44 6.40 13.39
N ILE A 196 -8.30 6.99 13.07
CA ILE A 196 -7.13 6.16 12.72
C ILE A 196 -6.70 5.33 13.93
N LYS A 197 -6.64 5.97 15.11
CA LYS A 197 -6.27 5.24 16.33
C LYS A 197 -7.19 4.05 16.55
N GLU A 198 -8.50 4.26 16.38
CA GLU A 198 -9.46 3.18 16.58
C GLU A 198 -9.19 2.02 15.62
N ILE A 199 -8.94 2.35 14.34
CA ILE A 199 -8.72 1.30 13.35
C ILE A 199 -7.44 0.54 13.64
N VAL A 200 -6.37 1.26 14.00
CA VAL A 200 -5.12 0.59 14.33
C VAL A 200 -5.29 -0.32 15.53
N LYS A 201 -5.99 0.16 16.56
CA LYS A 201 -6.20 -0.68 17.75
C LYS A 201 -7.04 -1.91 17.41
N LYS A 202 -8.03 -1.74 16.52
CA LYS A 202 -8.94 -2.84 16.22
C LYS A 202 -8.26 -3.94 15.41
N HIS A 203 -7.48 -3.57 14.40
CA HIS A 203 -7.04 -4.50 13.37
C HIS A 203 -5.53 -4.75 13.33
N SER A 204 -4.72 -3.96 14.02
CA SER A 204 -3.28 -4.04 13.88
C SER A 204 -2.57 -4.10 15.22
N GLN A 205 -3.25 -4.63 16.25
CA GLN A 205 -2.66 -4.65 17.59
C GLN A 205 -1.43 -5.54 17.71
N PHE A 206 -1.26 -6.52 16.82
CA PHE A 206 -0.14 -7.44 16.92
C PHE A 206 0.90 -7.26 15.81
N ILE A 207 0.94 -6.10 15.18
CA ILE A 207 2.01 -5.79 14.23
C ILE A 207 3.29 -5.52 15.01
N GLY A 208 4.37 -6.20 14.62
CA GLY A 208 5.59 -6.22 15.42
C GLY A 208 6.57 -5.10 15.11
N TYR A 209 6.05 -3.95 14.71
CA TYR A 209 6.88 -2.79 14.42
C TYR A 209 6.18 -1.58 14.99
N PRO A 210 6.91 -0.57 15.45
CA PRO A 210 6.25 0.63 15.96
C PRO A 210 5.48 1.37 14.87
N ILE A 211 4.23 1.69 15.18
CA ILE A 211 3.36 2.43 14.28
C ILE A 211 3.13 3.78 14.91
N THR A 212 3.56 4.83 14.23
CA THR A 212 3.52 6.18 14.78
C THR A 212 2.49 6.96 13.97
N LEU A 213 1.47 7.45 14.66
CA LEU A 213 0.45 8.29 14.05
C LEU A 213 0.88 9.75 14.25
N PHE A 214 1.27 10.40 13.16
CA PHE A 214 1.65 11.80 13.20
C PHE A 214 0.43 12.68 13.45
N VAL A 215 0.65 13.79 14.14
CA VAL A 215 -0.43 14.77 14.35
C VAL A 215 -0.20 15.96 13.46
N GLU A 216 -1.24 16.77 13.31
CA GLU A 216 -1.22 17.92 12.43
C GLU A 216 -1.25 19.21 13.23
N LYS A 217 -0.65 20.26 12.68
CA LYS A 217 -0.67 21.59 13.28
C LYS A 217 -2.07 22.06 13.69
C1 A1AYZ B . 2.16 -5.48 -2.33
C2 A1AYZ B . 2.89 -4.44 -1.58
C3 A1AYZ B . 4.05 -4.37 -0.88
C4 A1AYZ B . 4.16 -3.04 -0.37
C5 A1AYZ B . 5.27 -2.49 0.45
C6 A1AYZ B . 3.05 -2.37 -0.79
C7 A1AYZ B . 2.55 -1.00 -0.60
F1 A1AYZ B . 2.34 -0.39 -1.75
F2 A1AYZ B . 1.39 -0.99 0.06
F3 A1AYZ B . 3.38 -0.24 0.09
N1 A1AYZ B . 6.50 -2.59 -0.03
O1 A1AYZ B . 5.03 -1.98 1.55
O2 A1AYZ B . 2.26 -3.21 -1.53
#